data_2X99
#
_entry.id   2X99
#
_cell.length_a   141.502
_cell.length_b   102.610
_cell.length_c   59.938
_cell.angle_alpha   90.00
_cell.angle_beta   112.82
_cell.angle_gamma   90.00
#
_symmetry.space_group_name_H-M   'C 1 2 1'
#
loop_
_entity.id
_entity.type
_entity.pdbx_description
1 polymer 'THIOREDOXIN GLUTATHIONE REDUCTASE'
2 non-polymer 'FLAVIN-ADENINE DINUCLEOTIDE'
3 non-polymer 'NADPH DIHYDRO-NICOTINAMIDE-ADENINE-DINUCLEOTIDE PHOSPHATE'
4 non-polymer GLUTATHIONE
5 non-polymer 'CALCIUM ION'
6 non-polymer DI(HYDROXYETHYL)ETHER
7 non-polymer 'TETRAETHYLENE GLYCOL'
8 water water
#
_entity_poly.entity_id   1
_entity_poly.type   'polypeptide(L)'
_entity_poly.pdbx_seq_one_letter_code
;MPPADGTSQWLRKTVDSAAVILFSKTTCPYCKKVKDVLAEAKIKHATIELDQLSNGSAIQKCLASFSKIETVPQMFVRGK
FIGDSQTVLKYYSNDELAGIVNESKYDYDLIVIGGGSGGLAAGKEAAKYGAKTAVLDYVEPTPIGTTWGLGGTCVNVGCI
PKKLMHQAGLLSHALEDAEHFGWSLDRSKISHNWSTMVEGVQSHIGSLNWGYKVALRDNQVTYLNAKGRLISPHEVQITD
KNQKVSTITGNKIILATGERPKYPEIPGAVEYGITSDDLFSLPYFPGKTLVIGASYVALECAGFLASLGGDVTVMVRSIL
LRGFDQQMAEKVGDYMENHGVKFAKLCVPDEIKQLKVVDTENNKPGLLLVKGHYTDGKKFEEEFETVIFAVGREPQLSKV
LCETVGVKLDKNGRVVCTDDEQTTVSNVYAIGDINAGKPQLTPVAIQAGRYLARRLFAGATELTDYSNVATTVFTPLEYG
ACGLSEEDAIEKYGDKDIEVYHSNFKPLEWTVAHREDNVCYMKLVCRKSDNMRVLGLHVLGPNAGEITQGYAVAIKMGAT
KADFDRTIGIHPTCSETFTTLHVTKKSGVSPIVSGCCG
;
_entity_poly.pdbx_strand_id   A
#
# COMPACT_ATOMS: atom_id res chain seq x y z
N GLY A 6 -4.47 33.39 -3.78
CA GLY A 6 -5.26 32.22 -3.30
C GLY A 6 -5.36 32.10 -1.79
N THR A 7 -4.85 33.11 -1.08
CA THR A 7 -4.80 33.05 0.39
C THR A 7 -6.18 33.27 1.07
N SER A 8 -7.11 33.90 0.35
CA SER A 8 -8.49 34.05 0.79
C SER A 8 -9.20 32.70 0.79
N GLN A 9 -9.11 31.98 -0.33
CA GLN A 9 -9.76 30.68 -0.49
C GLN A 9 -9.16 29.63 0.43
N TRP A 10 -7.84 29.68 0.62
CA TRP A 10 -7.15 28.78 1.54
C TRP A 10 -7.75 28.89 2.94
N LEU A 11 -7.82 30.12 3.48
CA LEU A 11 -8.35 30.38 4.82
C LEU A 11 -9.80 29.95 4.96
N ARG A 12 -10.60 30.25 3.94
CA ARG A 12 -12.01 29.85 3.96
C ARG A 12 -12.14 28.32 4.09
N LYS A 13 -11.46 27.58 3.22
CA LYS A 13 -11.45 26.11 3.25
C LYS A 13 -10.97 25.54 4.61
N THR A 14 -9.93 26.14 5.18
CA THR A 14 -9.34 25.70 6.44
C THR A 14 -10.27 25.90 7.63
N VAL A 15 -10.86 27.09 7.71
CA VAL A 15 -11.76 27.44 8.80
C VAL A 15 -13.01 26.56 8.74
N ASP A 16 -13.49 26.33 7.52
CA ASP A 16 -14.71 25.55 7.33
C ASP A 16 -14.55 24.05 7.57
N SER A 17 -13.33 23.54 7.39
CA SER A 17 -13.08 22.11 7.49
C SER A 17 -12.50 21.69 8.85
N ALA A 18 -11.63 22.51 9.43
CA ALA A 18 -10.92 22.12 10.64
C ALA A 18 -11.88 21.88 11.80
N ALA A 19 -11.58 20.89 12.62
CA ALA A 19 -12.44 20.62 13.77
C ALA A 19 -12.11 21.58 14.90
N VAL A 20 -10.83 21.65 15.25
CA VAL A 20 -10.34 22.54 16.29
C VAL A 20 -8.98 23.12 15.86
N ILE A 21 -8.93 24.43 15.68
CA ILE A 21 -7.74 25.07 15.12
C ILE A 21 -7.39 26.39 15.81
N LEU A 22 -6.10 26.58 16.03
CA LEU A 22 -5.60 27.77 16.67
C LEU A 22 -4.65 28.50 15.72
N PHE A 23 -5.02 29.73 15.38
CA PHE A 23 -4.17 30.64 14.60
C PHE A 23 -3.37 31.43 15.62
N SER A 24 -2.06 31.44 15.42
CA SER A 24 -1.13 31.74 16.48
C SER A 24 0.13 32.43 15.94
N LYS A 25 0.96 32.95 16.84
CA LYS A 25 2.34 33.36 16.54
C LYS A 25 3.28 32.84 17.62
N THR A 26 4.50 32.46 17.23
CA THR A 26 5.45 31.77 18.12
C THR A 26 6.03 32.64 19.25
N THR A 27 5.91 33.94 19.13
CA THR A 27 6.48 34.87 20.11
C THR A 27 5.40 35.58 20.93
N CYS A 28 4.18 35.08 20.84
CA CYS A 28 3.03 35.67 21.51
C CYS A 28 2.71 34.97 22.84
N PRO A 29 2.86 35.70 23.97
CA PRO A 29 2.57 35.15 25.29
C PRO A 29 1.08 34.89 25.49
N TYR A 30 0.22 35.49 24.68
CA TYR A 30 -1.21 35.22 24.75
C TYR A 30 -1.54 33.92 24.05
N CYS A 31 -0.81 33.63 22.97
CA CYS A 31 -0.94 32.36 22.25
C CYS A 31 -0.47 31.19 23.11
N LYS A 32 0.63 31.43 23.84
CA LYS A 32 1.15 30.44 24.78
C LYS A 32 0.15 30.15 25.89
N LYS A 33 -0.46 31.21 26.46
CA LYS A 33 -1.49 31.03 27.48
C LYS A 33 -2.66 30.14 27.01
N VAL A 34 -3.10 30.33 25.76
CA VAL A 34 -4.13 29.48 25.17
C VAL A 34 -3.62 28.05 25.00
N LYS A 35 -2.41 27.88 24.48
CA LYS A 35 -1.82 26.54 24.35
C LYS A 35 -1.73 25.81 25.69
N ASP A 36 -1.33 26.52 26.75
CA ASP A 36 -1.28 25.96 28.10
C ASP A 36 -2.66 25.49 28.55
N VAL A 37 -3.68 26.31 28.29
CA VAL A 37 -5.05 25.97 28.65
C VAL A 37 -5.50 24.72 27.88
N LEU A 38 -5.26 24.70 26.57
CA LEU A 38 -5.67 23.57 25.74
C LEU A 38 -4.97 22.28 26.13
N ALA A 39 -3.69 22.37 26.53
CA ALA A 39 -2.94 21.19 26.98
C ALA A 39 -3.40 20.71 28.35
N GLU A 40 -3.64 21.66 29.28
CA GLU A 40 -4.10 21.29 30.62
C GLU A 40 -5.47 20.59 30.56
N ALA A 41 -6.31 21.02 29.61
CA ALA A 41 -7.64 20.45 29.44
C ALA A 41 -7.65 19.30 28.43
N LYS A 42 -6.46 18.96 27.91
CA LYS A 42 -6.25 17.83 26.99
C LYS A 42 -7.17 17.94 25.78
N ILE A 43 -7.19 19.15 25.22
CA ILE A 43 -7.93 19.47 24.02
C ILE A 43 -6.93 19.49 22.87
N LYS A 44 -7.07 18.53 21.96
CA LYS A 44 -6.20 18.41 20.83
C LYS A 44 -6.68 19.35 19.74
N HIS A 45 -5.76 19.87 18.94
CA HIS A 45 -6.08 20.93 18.00
C HIS A 45 -4.97 21.12 16.97
N ALA A 46 -5.32 21.72 15.84
CA ALA A 46 -4.31 22.19 14.89
C ALA A 46 -3.81 23.56 15.33
N THR A 47 -2.58 23.88 14.95
CA THR A 47 -1.97 25.16 15.22
C THR A 47 -1.29 25.64 13.96
N ILE A 48 -1.60 26.87 13.57
CA ILE A 48 -0.94 27.51 12.46
C ILE A 48 -0.25 28.77 12.97
N GLU A 49 1.07 28.77 12.86
CA GLU A 49 1.88 29.89 13.32
C GLU A 49 2.09 30.83 12.15
N LEU A 50 1.42 31.99 12.22
CA LEU A 50 1.35 32.94 11.11
C LEU A 50 2.69 33.62 10.82
N ASP A 51 3.52 33.77 11.84
CA ASP A 51 4.87 34.32 11.66
C ASP A 51 5.80 33.34 10.94
N GLN A 52 5.37 32.10 10.76
CA GLN A 52 6.14 31.09 10.01
C GLN A 52 5.76 31.01 8.53
N LEU A 53 4.74 31.78 8.13
CA LEU A 53 4.23 31.73 6.75
C LEU A 53 4.49 33.03 6.02
N SER A 54 4.87 32.93 4.75
CA SER A 54 5.21 34.11 3.94
C SER A 54 3.99 35.01 3.74
N ASN A 55 2.79 34.44 3.81
CA ASN A 55 1.56 35.21 3.65
C ASN A 55 0.79 35.43 4.96
N GLY A 56 1.47 35.27 6.10
CA GLY A 56 0.85 35.35 7.41
C GLY A 56 0.15 36.66 7.76
N SER A 57 0.71 37.77 7.29
CA SER A 57 0.13 39.08 7.53
C SER A 57 -1.19 39.23 6.79
N ALA A 58 -1.25 38.70 5.57
CA ALA A 58 -2.49 38.74 4.78
C ALA A 58 -3.54 37.82 5.39
N ILE A 59 -3.09 36.73 6.00
CA ILE A 59 -3.97 35.81 6.72
C ILE A 59 -4.62 36.52 7.92
N GLN A 60 -3.81 37.25 8.69
CA GLN A 60 -4.31 38.05 9.80
C GLN A 60 -5.43 38.99 9.40
N LYS A 61 -5.28 39.63 8.25
CA LYS A 61 -6.29 40.54 7.71
C LYS A 61 -7.55 39.78 7.32
N CYS A 62 -7.37 38.61 6.71
CA CYS A 62 -8.49 37.79 6.25
C CYS A 62 -9.29 37.18 7.39
N LEU A 63 -8.61 36.87 8.50
CA LEU A 63 -9.26 36.32 9.69
C LEU A 63 -10.44 37.16 10.20
N ALA A 64 -10.32 38.47 10.06
CA ALA A 64 -11.40 39.37 10.44
C ALA A 64 -12.70 39.11 9.65
N SER A 65 -12.61 38.46 8.50
CA SER A 65 -13.83 38.04 7.76
C SER A 65 -14.63 37.01 8.55
N PHE A 66 -13.96 36.36 9.50
CA PHE A 66 -14.53 35.27 10.29
C PHE A 66 -14.69 35.62 11.76
N SER A 67 -13.85 36.52 12.25
CA SER A 67 -13.80 36.81 13.69
C SER A 67 -14.03 38.29 14.03
N LYS A 68 -13.96 39.14 13.01
CA LYS A 68 -13.95 40.60 13.22
C LYS A 68 -12.65 41.14 13.88
N ILE A 69 -11.70 40.27 14.19
CA ILE A 69 -10.38 40.69 14.70
C ILE A 69 -9.20 40.27 13.81
N GLU A 70 -8.07 40.94 14.03
CA GLU A 70 -6.86 40.70 13.25
C GLU A 70 -5.66 40.39 14.15
N THR A 71 -5.94 40.00 15.39
CA THR A 71 -4.89 39.66 16.34
C THR A 71 -4.81 38.13 16.55
N VAL A 72 -3.69 37.71 17.16
CA VAL A 72 -3.48 36.34 17.58
C VAL A 72 -3.51 36.30 19.12
N PRO A 73 -4.05 35.21 19.72
CA PRO A 73 -4.59 34.00 19.10
C PRO A 73 -6.05 34.11 18.65
N GLN A 74 -6.44 33.23 17.75
CA GLN A 74 -7.82 33.13 17.31
C GLN A 74 -8.18 31.64 17.26
N MET A 75 -9.14 31.24 18.08
CA MET A 75 -9.53 29.84 18.15
C MET A 75 -10.86 29.61 17.43
N PHE A 76 -10.88 28.57 16.60
CA PHE A 76 -12.06 28.15 15.86
C PHE A 76 -12.43 26.71 16.21
N VAL A 77 -13.74 26.44 16.20
CA VAL A 77 -14.31 25.10 16.34
C VAL A 77 -15.36 24.90 15.25
N ARG A 78 -15.09 23.96 14.35
CA ARG A 78 -16.04 23.55 13.30
C ARG A 78 -16.66 24.71 12.52
N GLY A 79 -15.81 25.63 12.05
CA GLY A 79 -16.24 26.76 11.20
C GLY A 79 -16.56 28.05 11.94
N LYS A 80 -16.44 28.02 13.25
CA LYS A 80 -17.00 29.07 14.09
C LYS A 80 -15.91 29.66 14.94
N PHE A 81 -15.75 30.97 14.87
CA PHE A 81 -14.82 31.69 15.74
C PHE A 81 -15.32 31.58 17.16
N ILE A 82 -14.42 31.24 18.07
CA ILE A 82 -14.77 30.87 19.43
C ILE A 82 -14.25 31.90 20.44
N GLY A 83 -13.14 32.53 20.11
CA GLY A 83 -12.61 33.53 21.00
C GLY A 83 -11.15 33.86 20.80
N ASP A 84 -10.78 35.04 21.31
CA ASP A 84 -9.40 35.41 21.52
C ASP A 84 -8.93 34.79 22.85
N SER A 85 -7.74 35.16 23.33
CA SER A 85 -7.18 34.52 24.54
C SER A 85 -8.05 34.71 25.79
N GLN A 86 -8.46 35.95 26.08
CA GLN A 86 -9.32 36.23 27.23
C GLN A 86 -10.60 35.40 27.21
N THR A 87 -11.20 35.31 26.03
CA THR A 87 -12.44 34.58 25.82
C THR A 87 -12.25 33.07 26.11
N VAL A 88 -11.18 32.50 25.56
CA VAL A 88 -10.84 31.09 25.79
C VAL A 88 -10.59 30.82 27.29
N LEU A 89 -9.85 31.72 27.94
CA LEU A 89 -9.66 31.63 29.39
C LEU A 89 -10.97 31.74 30.18
N LYS A 90 -11.90 32.56 29.68
CA LYS A 90 -13.22 32.71 30.30
C LYS A 90 -13.98 31.38 30.28
N TYR A 91 -13.99 30.72 29.13
CA TYR A 91 -14.60 29.39 29.00
C TYR A 91 -13.91 28.41 29.93
N TYR A 92 -12.59 28.52 30.02
CA TYR A 92 -11.84 27.62 30.87
C TYR A 92 -12.28 27.77 32.33
N SER A 93 -12.22 28.99 32.86
CA SER A 93 -12.54 29.23 34.27
C SER A 93 -14.00 28.97 34.59
N ASN A 94 -14.87 29.06 33.59
CA ASN A 94 -16.28 28.76 33.80
C ASN A 94 -16.63 27.29 33.57
N ASP A 95 -15.63 26.52 33.14
CA ASP A 95 -15.79 25.10 32.84
C ASP A 95 -16.77 24.87 31.68
N GLU A 96 -16.72 25.79 30.71
CA GLU A 96 -17.57 25.75 29.54
C GLU A 96 -16.79 25.20 28.34
N LEU A 97 -15.47 25.28 28.42
CA LEU A 97 -14.61 24.98 27.28
C LEU A 97 -14.83 23.57 26.71
N ALA A 98 -14.92 22.58 27.59
CA ALA A 98 -15.15 21.18 27.17
C ALA A 98 -16.44 21.05 26.34
N GLY A 99 -17.52 21.68 26.82
CA GLY A 99 -18.79 21.70 26.10
C GLY A 99 -18.67 22.33 24.74
N ILE A 100 -17.98 23.48 24.68
CA ILE A 100 -17.76 24.21 23.44
C ILE A 100 -17.05 23.36 22.38
N VAL A 101 -15.95 22.71 22.78
CA VAL A 101 -15.14 21.99 21.80
C VAL A 101 -15.77 20.65 21.38
N ASN A 102 -16.65 20.14 22.23
CA ASN A 102 -17.46 18.96 21.93
C ASN A 102 -18.68 19.24 21.02
N GLU A 103 -19.06 20.51 20.87
CA GLU A 103 -20.29 20.83 20.14
C GLU A 103 -20.19 20.56 18.63
N SER A 104 -21.14 19.78 18.12
CA SER A 104 -21.15 19.39 16.74
C SER A 104 -22.53 18.98 16.26
N LYS A 105 -22.79 19.30 14.99
CA LYS A 105 -23.96 18.84 14.26
C LYS A 105 -23.97 17.30 14.11
N TYR A 106 -22.79 16.69 14.01
CA TYR A 106 -22.69 15.25 13.78
C TYR A 106 -22.07 14.50 14.95
N ASP A 107 -22.28 13.18 14.99
CA ASP A 107 -21.62 12.33 15.97
C ASP A 107 -20.10 12.41 15.87
N TYR A 108 -19.58 12.46 14.63
CA TYR A 108 -18.14 12.54 14.39
C TYR A 108 -17.77 13.62 13.37
N ASP A 109 -16.58 14.19 13.52
CA ASP A 109 -16.02 15.03 12.45
C ASP A 109 -15.60 14.18 11.25
N LEU A 110 -15.17 12.95 11.54
CA LEU A 110 -14.69 12.03 10.53
C LEU A 110 -15.13 10.61 10.81
N ILE A 111 -15.75 10.00 9.81
CA ILE A 111 -15.96 8.55 9.80
C ILE A 111 -15.14 7.93 8.68
N VAL A 112 -14.28 7.00 9.10
CA VAL A 112 -13.47 6.23 8.18
C VAL A 112 -14.08 4.84 8.04
N ILE A 113 -14.44 4.47 6.82
CA ILE A 113 -14.97 3.14 6.55
C ILE A 113 -13.87 2.29 5.94
N GLY A 114 -13.34 1.37 6.75
CA GLY A 114 -12.22 0.53 6.36
C GLY A 114 -11.07 0.83 7.30
N GLY A 115 -10.53 -0.21 7.92
CA GLY A 115 -9.43 -0.01 8.85
C GLY A 115 -8.18 -0.73 8.37
N GLY A 116 -7.75 -0.41 7.15
CA GLY A 116 -6.47 -0.90 6.63
C GLY A 116 -5.42 0.20 6.62
N SER A 117 -4.48 0.08 5.69
CA SER A 117 -3.35 1.01 5.62
C SER A 117 -3.82 2.46 5.49
N GLY A 118 -4.70 2.71 4.53
CA GLY A 118 -5.23 4.05 4.31
C GLY A 118 -6.12 4.54 5.43
N GLY A 119 -7.09 3.71 5.81
CA GLY A 119 -8.05 4.10 6.84
C GLY A 119 -7.44 4.43 8.19
N LEU A 120 -6.51 3.59 8.64
CA LEU A 120 -5.87 3.78 9.94
C LEU A 120 -5.00 5.03 9.95
N ALA A 121 -4.26 5.21 8.85
CA ALA A 121 -3.42 6.38 8.66
C ALA A 121 -4.25 7.66 8.72
N ALA A 122 -5.32 7.73 7.91
CA ALA A 122 -6.19 8.88 7.92
C ALA A 122 -6.79 9.13 9.30
N GLY A 123 -7.32 8.08 9.90
CA GLY A 123 -7.99 8.16 11.19
C GLY A 123 -7.12 8.66 12.31
N LYS A 124 -5.94 8.03 12.47
CA LYS A 124 -4.98 8.44 13.52
C LYS A 124 -4.52 9.87 13.32
N GLU A 125 -4.23 10.22 12.06
CA GLU A 125 -3.74 11.56 11.76
C GLU A 125 -4.81 12.64 12.01
N ALA A 126 -6.06 12.37 11.66
CA ALA A 126 -7.15 13.31 11.98
C ALA A 126 -7.35 13.52 13.49
N ALA A 127 -7.31 12.45 14.27
CA ALA A 127 -7.45 12.57 15.74
C ALA A 127 -6.42 13.51 16.36
N LYS A 128 -5.20 13.50 15.81
CA LYS A 128 -4.12 14.38 16.29
C LYS A 128 -4.48 15.86 16.30
N TYR A 129 -5.33 16.30 15.37
CA TYR A 129 -5.78 17.70 15.31
C TYR A 129 -7.15 17.91 15.93
N GLY A 130 -7.53 17.02 16.83
CA GLY A 130 -8.75 17.20 17.61
C GLY A 130 -10.04 16.81 16.94
N ALA A 131 -9.97 16.18 15.77
CA ALA A 131 -11.17 15.70 15.08
C ALA A 131 -11.75 14.45 15.78
N LYS A 132 -13.04 14.48 16.06
CA LYS A 132 -13.70 13.31 16.66
C LYS A 132 -13.86 12.29 15.56
N THR A 133 -13.17 11.18 15.72
CA THR A 133 -12.95 10.23 14.63
C THR A 133 -13.44 8.86 14.97
N ALA A 134 -14.11 8.22 14.01
CA ALA A 134 -14.47 6.81 14.12
C ALA A 134 -13.88 6.04 12.95
N VAL A 135 -13.31 4.86 13.25
CA VAL A 135 -12.85 3.91 12.24
C VAL A 135 -13.67 2.62 12.30
N LEU A 136 -14.26 2.26 11.16
CA LEU A 136 -15.00 1.01 11.03
C LEU A 136 -14.16 0.03 10.27
N ASP A 137 -13.98 -1.17 10.85
CA ASP A 137 -13.36 -2.25 10.11
C ASP A 137 -14.13 -3.54 10.35
N TYR A 138 -14.27 -4.31 9.28
CA TYR A 138 -14.91 -5.60 9.28
C TYR A 138 -14.27 -6.43 8.20
N VAL A 139 -14.00 -7.68 8.52
CA VAL A 139 -13.36 -8.55 7.55
C VAL A 139 -14.33 -9.65 7.10
N GLU A 140 -14.87 -9.51 5.91
CA GLU A 140 -15.72 -10.54 5.35
C GLU A 140 -14.87 -11.80 5.16
N PRO A 141 -15.40 -12.96 5.62
CA PRO A 141 -14.65 -14.22 5.53
C PRO A 141 -14.49 -14.66 4.08
N THR A 142 -13.38 -15.33 3.79
CA THR A 142 -13.19 -15.95 2.48
C THR A 142 -14.18 -17.12 2.36
N PRO A 143 -14.36 -17.67 1.13
CA PRO A 143 -15.28 -18.82 0.96
C PRO A 143 -15.02 -19.99 1.91
N ILE A 144 -13.76 -20.23 2.26
CA ILE A 144 -13.44 -21.29 3.22
C ILE A 144 -13.45 -20.83 4.68
N GLY A 145 -13.77 -19.56 4.92
CA GLY A 145 -13.95 -19.07 6.28
C GLY A 145 -12.79 -18.32 6.90
N THR A 146 -11.74 -18.03 6.13
CA THR A 146 -10.61 -17.29 6.68
C THR A 146 -10.99 -15.84 7.01
N THR A 147 -10.61 -15.41 8.21
CA THR A 147 -10.88 -14.09 8.69
C THR A 147 -9.65 -13.66 9.49
N TRP A 148 -9.57 -12.37 9.82
CA TRP A 148 -8.39 -11.83 10.52
C TRP A 148 -8.74 -10.50 11.16
N GLY A 149 -7.77 -9.93 11.88
CA GLY A 149 -8.00 -8.76 12.71
C GLY A 149 -7.67 -7.42 12.05
N LEU A 150 -7.57 -6.39 12.87
CA LEU A 150 -7.36 -5.02 12.41
C LEU A 150 -6.02 -4.77 11.68
N GLY A 151 -6.06 -3.98 10.61
CA GLY A 151 -4.83 -3.61 9.92
C GLY A 151 -4.88 -3.68 8.40
N GLY A 152 -5.84 -4.42 7.85
CA GLY A 152 -6.04 -4.45 6.41
C GLY A 152 -5.26 -5.52 5.68
N THR A 153 -5.22 -5.42 4.35
CA THR A 153 -4.59 -6.41 3.50
C THR A 153 -3.11 -6.60 3.81
N CYS A 154 -2.40 -5.49 3.86
CA CYS A 154 -0.96 -5.49 4.07
CA CYS A 154 -0.96 -5.51 4.05
C CYS A 154 -0.54 -6.19 5.35
N VAL A 155 -1.08 -5.73 6.48
CA VAL A 155 -0.77 -6.31 7.79
C VAL A 155 -1.09 -7.81 7.86
N ASN A 156 -2.27 -8.19 7.39
CA ASN A 156 -2.77 -9.55 7.63
C ASN A 156 -2.56 -10.54 6.48
N VAL A 157 -2.81 -10.09 5.25
CA VAL A 157 -2.81 -11.01 4.10
C VAL A 157 -2.05 -10.45 2.89
N GLY A 158 -1.01 -9.66 3.14
CA GLY A 158 -0.29 -8.93 2.08
C GLY A 158 1.18 -8.74 2.37
N CYS A 159 1.65 -7.49 2.29
CA CYS A 159 3.07 -7.14 2.37
CA CYS A 159 3.07 -7.13 2.40
C CYS A 159 3.78 -7.85 3.54
N ILE A 160 3.20 -7.75 4.74
CA ILE A 160 3.87 -8.25 5.93
C ILE A 160 4.12 -9.79 5.88
N PRO A 161 3.05 -10.61 5.82
CA PRO A 161 3.32 -12.04 5.75
C PRO A 161 4.05 -12.48 4.47
N LYS A 162 3.78 -11.82 3.34
CA LYS A 162 4.48 -12.10 2.08
C LYS A 162 6.00 -11.95 2.21
N LYS A 163 6.46 -10.84 2.79
CA LYS A 163 7.89 -10.52 2.91
C LYS A 163 8.56 -11.46 3.90
N LEU A 164 7.84 -11.79 4.97
CA LEU A 164 8.33 -12.74 5.95
C LEU A 164 8.48 -14.15 5.36
N MET A 165 7.54 -14.56 4.50
CA MET A 165 7.68 -15.85 3.80
C MET A 165 8.75 -15.77 2.74
N HIS A 166 8.90 -14.60 2.13
CA HIS A 166 10.01 -14.35 1.22
C HIS A 166 11.33 -14.54 1.98
N GLN A 167 11.41 -14.02 3.21
CA GLN A 167 12.63 -14.13 4.01
C GLN A 167 12.88 -15.60 4.31
N ALA A 168 11.84 -16.32 4.73
CA ALA A 168 11.96 -17.76 4.96
C ALA A 168 12.53 -18.46 3.72
N GLY A 169 12.02 -18.08 2.55
CA GLY A 169 12.56 -18.54 1.28
C GLY A 169 14.01 -18.16 1.08
N LEU A 170 14.36 -16.89 1.28
CA LEU A 170 15.76 -16.44 1.14
C LEU A 170 16.73 -17.22 2.04
N LEU A 171 16.23 -17.63 3.22
CA LEU A 171 17.06 -18.34 4.18
C LEU A 171 17.45 -19.73 3.70
N SER A 172 16.59 -20.34 2.91
CA SER A 172 16.89 -21.58 2.20
C SER A 172 18.22 -21.45 1.46
N HIS A 173 18.42 -20.32 0.80
CA HIS A 173 19.60 -20.16 -0.03
C HIS A 173 20.78 -19.71 0.78
N ALA A 174 20.48 -19.03 1.89
CA ALA A 174 21.50 -18.72 2.87
C ALA A 174 22.11 -20.00 3.39
N LEU A 175 21.29 -21.03 3.57
CA LEU A 175 21.78 -22.34 4.02
C LEU A 175 22.74 -22.97 3.01
N GLU A 176 22.39 -22.92 1.72
CA GLU A 176 23.28 -23.39 0.64
C GLU A 176 24.57 -22.54 0.61
N ASP A 177 24.44 -21.22 0.71
CA ASP A 177 25.61 -20.32 0.61
C ASP A 177 26.60 -20.49 1.74
N ALA A 178 26.09 -20.69 2.96
CA ALA A 178 26.88 -20.95 4.17
C ALA A 178 28.04 -21.94 3.99
N GLU A 179 27.80 -23.05 3.30
CA GLU A 179 28.83 -24.07 3.11
C GLU A 179 30.03 -23.53 2.35
N HIS A 180 29.76 -22.79 1.27
CA HIS A 180 30.85 -22.22 0.47
C HIS A 180 31.57 -21.14 1.27
N PHE A 181 30.92 -20.59 2.29
CA PHE A 181 31.56 -19.60 3.14
C PHE A 181 32.26 -20.25 4.34
N GLY A 182 32.32 -21.58 4.33
CA GLY A 182 33.09 -22.34 5.32
C GLY A 182 32.32 -22.93 6.49
N TRP A 183 30.99 -22.75 6.49
CA TRP A 183 30.13 -23.36 7.51
C TRP A 183 29.95 -24.85 7.26
N SER A 184 30.11 -25.60 8.34
CA SER A 184 29.99 -27.05 8.28
C SER A 184 28.61 -27.46 8.79
N LEU A 185 27.73 -27.83 7.86
CA LEU A 185 26.38 -28.31 8.17
C LEU A 185 25.96 -29.45 7.22
N ASP A 186 25.02 -30.28 7.66
CA ASP A 186 24.52 -31.38 6.82
C ASP A 186 23.13 -31.04 6.26
N ARG A 187 23.11 -30.46 5.07
CA ARG A 187 21.89 -29.99 4.41
C ARG A 187 20.91 -31.10 4.00
N SER A 188 21.41 -32.31 3.77
CA SER A 188 20.54 -33.45 3.46
C SER A 188 19.62 -33.82 4.66
N LYS A 189 19.89 -33.25 5.83
CA LYS A 189 19.11 -33.52 7.05
C LYS A 189 18.30 -32.30 7.50
N ILE A 190 18.33 -31.24 6.70
CA ILE A 190 17.59 -30.02 7.02
C ILE A 190 16.31 -30.02 6.20
N SER A 191 15.21 -29.68 6.87
CA SER A 191 13.90 -29.62 6.24
C SER A 191 13.16 -28.39 6.75
N HIS A 192 12.09 -28.01 6.06
CA HIS A 192 11.27 -26.88 6.47
C HIS A 192 9.91 -27.31 6.99
N ASN A 193 9.50 -26.67 8.09
CA ASN A 193 8.19 -26.90 8.69
C ASN A 193 7.26 -25.71 8.44
N TRP A 194 6.33 -25.89 7.51
CA TRP A 194 5.42 -24.83 7.13
C TRP A 194 4.66 -24.19 8.30
N SER A 195 4.03 -25.03 9.13
CA SER A 195 3.19 -24.54 10.22
C SER A 195 3.97 -23.74 11.30
N THR A 196 5.19 -24.17 11.61
CA THR A 196 6.06 -23.38 12.49
C THR A 196 6.30 -21.97 11.95
N MET A 197 6.60 -21.86 10.66
CA MET A 197 6.77 -20.57 10.00
C MET A 197 5.49 -19.74 10.10
N VAL A 198 4.37 -20.37 9.76
CA VAL A 198 3.06 -19.71 9.84
C VAL A 198 2.76 -19.24 11.27
N GLU A 199 3.07 -20.05 12.28
CA GLU A 199 2.89 -19.62 13.66
C GLU A 199 3.69 -18.35 13.98
N GLY A 200 4.96 -18.31 13.58
CA GLY A 200 5.81 -17.13 13.81
C GLY A 200 5.26 -15.91 13.08
N VAL A 201 4.89 -16.09 11.83
CA VAL A 201 4.28 -15.03 11.02
C VAL A 201 2.97 -14.53 11.65
N GLN A 202 2.10 -15.44 12.02
CA GLN A 202 0.82 -15.04 12.61
C GLN A 202 0.97 -14.42 14.00
N SER A 203 2.03 -14.82 14.70
CA SER A 203 2.28 -14.24 16.01
C SER A 203 2.64 -12.76 15.85
N HIS A 204 3.47 -12.46 14.85
CA HIS A 204 3.82 -11.05 14.61
C HIS A 204 2.63 -10.21 14.14
N ILE A 205 1.84 -10.77 13.22
CA ILE A 205 0.60 -10.14 12.75
C ILE A 205 -0.32 -9.85 13.92
N GLY A 206 -0.42 -10.80 14.84
CA GLY A 206 -1.19 -10.65 16.08
C GLY A 206 -0.78 -9.40 16.82
N SER A 207 0.53 -9.21 16.98
CA SER A 207 1.03 -8.03 17.67
C SER A 207 0.73 -6.72 16.91
N LEU A 208 0.60 -6.82 15.60
CA LEU A 208 0.20 -5.68 14.79
C LEU A 208 -1.30 -5.33 14.96
N ASN A 209 -2.18 -6.35 14.87
CA ASN A 209 -3.60 -6.20 15.19
C ASN A 209 -3.77 -5.46 16.52
N TRP A 210 -3.14 -6.00 17.57
CA TRP A 210 -3.22 -5.46 18.94
C TRP A 210 -2.63 -4.06 18.97
N GLY A 211 -1.51 -3.88 18.27
CA GLY A 211 -0.83 -2.58 18.20
C GLY A 211 -1.71 -1.48 17.63
N TYR A 212 -2.44 -1.77 16.55
CA TYR A 212 -3.33 -0.78 15.95
C TYR A 212 -4.53 -0.44 16.85
N LYS A 213 -5.09 -1.47 17.48
CA LYS A 213 -6.18 -1.24 18.44
C LYS A 213 -5.69 -0.28 19.53
N VAL A 214 -4.52 -0.57 20.10
CA VAL A 214 -3.93 0.25 21.15
C VAL A 214 -3.69 1.67 20.63
N ALA A 215 -3.10 1.79 19.45
CA ALA A 215 -2.93 3.10 18.80
C ALA A 215 -4.25 3.88 18.64
N LEU A 216 -5.32 3.22 18.21
CA LEU A 216 -6.60 3.93 18.06
C LEU A 216 -7.08 4.41 19.45
N ARG A 217 -6.99 3.54 20.45
CA ARG A 217 -7.28 3.89 21.85
C ARG A 217 -6.47 5.13 22.27
N ASP A 218 -5.14 5.05 22.14
CA ASP A 218 -4.23 6.11 22.59
C ASP A 218 -4.47 7.46 21.88
N ASN A 219 -4.98 7.42 20.65
CA ASN A 219 -5.32 8.62 19.91
C ASN A 219 -6.81 9.01 20.06
N GLN A 220 -7.51 8.38 21.00
CA GLN A 220 -8.95 8.60 21.21
C GLN A 220 -9.85 8.51 19.97
N VAL A 221 -9.48 7.64 19.04
CA VAL A 221 -10.32 7.30 17.91
C VAL A 221 -11.30 6.20 18.35
N THR A 222 -12.57 6.32 18.01
CA THR A 222 -13.52 5.26 18.29
C THR A 222 -13.38 4.16 17.24
N TYR A 223 -13.11 2.94 17.70
CA TYR A 223 -13.02 1.81 16.80
C TYR A 223 -14.24 0.92 16.92
N LEU A 224 -14.86 0.64 15.77
CA LEU A 224 -16.01 -0.23 15.73
C LEU A 224 -15.74 -1.39 14.78
N ASN A 225 -15.73 -2.60 15.32
CA ASN A 225 -15.60 -3.78 14.50
C ASN A 225 -16.97 -4.02 13.88
N ALA A 226 -17.22 -3.40 12.73
CA ALA A 226 -18.55 -3.32 12.15
C ALA A 226 -18.47 -3.01 10.68
N LYS A 227 -19.44 -3.53 9.93
CA LYS A 227 -19.57 -3.20 8.51
C LYS A 227 -20.33 -1.90 8.34
N GLY A 228 -19.70 -0.93 7.67
CA GLY A 228 -20.33 0.34 7.41
C GLY A 228 -20.82 0.45 5.98
N ARG A 229 -21.99 1.08 5.83
CA ARG A 229 -22.51 1.46 4.52
C ARG A 229 -22.93 2.92 4.56
N LEU A 230 -22.46 3.68 3.59
CA LEU A 230 -22.88 5.07 3.41
C LEU A 230 -24.27 5.08 2.78
N ILE A 231 -25.22 5.68 3.48
CA ILE A 231 -26.61 5.73 3.01
C ILE A 231 -27.09 7.13 2.62
N SER A 232 -26.37 8.16 3.07
CA SER A 232 -26.54 9.55 2.64
C SER A 232 -25.19 10.26 2.91
N PRO A 233 -25.00 11.50 2.41
CA PRO A 233 -23.68 12.13 2.58
C PRO A 233 -23.07 12.04 3.99
N HIS A 234 -23.93 12.08 5.00
CA HIS A 234 -23.48 12.20 6.37
C HIS A 234 -23.92 11.05 7.27
N GLU A 235 -24.57 10.04 6.69
CA GLU A 235 -25.12 8.95 7.48
C GLU A 235 -24.49 7.62 7.10
N VAL A 236 -23.88 6.98 8.10
CA VAL A 236 -23.28 5.68 7.92
C VAL A 236 -24.06 4.64 8.72
N GLN A 237 -24.60 3.65 8.03
CA GLN A 237 -25.31 2.56 8.68
C GLN A 237 -24.32 1.47 9.06
N ILE A 238 -24.38 1.03 10.30
CA ILE A 238 -23.41 0.02 10.78
C ILE A 238 -24.06 -1.28 11.25
N THR A 239 -23.43 -2.39 10.95
CA THR A 239 -23.90 -3.69 11.39
C THR A 239 -22.83 -4.33 12.27
N ASP A 240 -23.13 -4.55 13.55
CA ASP A 240 -22.15 -5.21 14.43
C ASP A 240 -22.16 -6.74 14.27
N LYS A 241 -21.32 -7.43 15.05
CA LYS A 241 -21.27 -8.89 15.02
C LYS A 241 -22.59 -9.50 15.49
N ASN A 242 -23.14 -8.94 16.57
CA ASN A 242 -24.46 -9.34 17.07
C ASN A 242 -25.57 -9.05 16.05
N GLN A 243 -25.17 -8.66 14.84
CA GLN A 243 -26.11 -8.36 13.74
C GLN A 243 -27.01 -7.14 13.99
N LYS A 244 -26.71 -6.36 15.02
CA LYS A 244 -27.45 -5.13 15.33
C LYS A 244 -27.14 -4.03 14.33
N VAL A 245 -28.20 -3.39 13.82
CA VAL A 245 -28.05 -2.29 12.89
C VAL A 245 -28.31 -0.96 13.58
N SER A 246 -27.40 0.01 13.38
CA SER A 246 -27.65 1.39 13.80
C SER A 246 -26.99 2.39 12.85
N THR A 247 -27.23 3.68 13.09
CA THR A 247 -26.74 4.75 12.23
C THR A 247 -25.92 5.75 13.04
N ILE A 248 -24.79 6.15 12.48
CA ILE A 248 -23.95 7.21 13.03
C ILE A 248 -23.75 8.28 11.96
N THR A 249 -23.55 9.51 12.40
CA THR A 249 -23.41 10.62 11.49
C THR A 249 -22.02 11.20 11.58
N GLY A 250 -21.54 11.73 10.46
CA GLY A 250 -20.21 12.32 10.43
C GLY A 250 -20.12 13.46 9.44
N ASN A 251 -19.30 14.45 9.75
CA ASN A 251 -19.04 15.55 8.83
C ASN A 251 -18.30 15.07 7.58
N LYS A 252 -17.05 14.65 7.74
CA LYS A 252 -16.31 14.09 6.64
C LYS A 252 -16.38 12.56 6.70
N ILE A 253 -16.42 11.95 5.53
CA ILE A 253 -16.39 10.49 5.39
C ILE A 253 -15.19 10.14 4.53
N ILE A 254 -14.40 9.17 4.98
CA ILE A 254 -13.35 8.61 4.12
C ILE A 254 -13.67 7.15 3.80
N LEU A 255 -13.81 6.86 2.51
CA LEU A 255 -13.94 5.49 2.03
C LEU A 255 -12.52 4.89 1.83
N ALA A 256 -12.19 3.90 2.64
CA ALA A 256 -10.90 3.23 2.53
C ALA A 256 -11.09 1.70 2.65
N THR A 257 -11.97 1.14 1.80
CA THR A 257 -12.52 -0.22 1.96
C THR A 257 -11.72 -1.30 1.23
N GLY A 258 -10.73 -0.88 0.44
CA GLY A 258 -9.80 -1.81 -0.23
C GLY A 258 -10.45 -2.80 -1.18
N GLU A 259 -9.72 -3.87 -1.46
CA GLU A 259 -10.13 -4.84 -2.47
C GLU A 259 -10.04 -6.28 -1.94
N ARG A 260 -10.54 -7.22 -2.73
CA ARG A 260 -10.42 -8.62 -2.37
C ARG A 260 -10.05 -9.41 -3.63
N PRO A 261 -9.41 -10.57 -3.45
CA PRO A 261 -9.01 -11.34 -4.62
C PRO A 261 -10.19 -11.77 -5.50
N LYS A 262 -9.95 -11.80 -6.80
CA LYS A 262 -10.90 -12.32 -7.75
C LYS A 262 -10.75 -13.84 -7.87
N TYR A 263 -11.83 -14.50 -8.28
CA TYR A 263 -11.80 -15.90 -8.71
C TYR A 263 -12.21 -15.93 -10.17
N PRO A 264 -11.61 -16.81 -10.97
CA PRO A 264 -12.15 -17.00 -12.32
C PRO A 264 -13.49 -17.73 -12.27
N GLU A 265 -14.31 -17.52 -13.30
CA GLU A 265 -15.65 -18.10 -13.32
C GLU A 265 -15.63 -19.47 -13.98
N ILE A 266 -15.05 -20.43 -13.23
CA ILE A 266 -14.95 -21.83 -13.63
C ILE A 266 -15.46 -22.73 -12.50
N PRO A 267 -15.95 -23.94 -12.85
CA PRO A 267 -16.44 -24.81 -11.79
C PRO A 267 -15.31 -25.23 -10.85
N GLY A 268 -15.58 -25.16 -9.55
CA GLY A 268 -14.66 -25.68 -8.55
C GLY A 268 -13.68 -24.66 -8.00
N ALA A 269 -13.67 -23.47 -8.60
CA ALA A 269 -12.73 -22.42 -8.21
C ALA A 269 -12.93 -21.98 -6.77
N VAL A 270 -14.16 -21.58 -6.47
CA VAL A 270 -14.54 -21.04 -5.15
C VAL A 270 -14.59 -22.15 -4.11
N GLU A 271 -15.02 -23.33 -4.55
CA GLU A 271 -15.17 -24.47 -3.65
C GLU A 271 -13.82 -25.05 -3.22
N TYR A 272 -12.85 -25.12 -4.14
CA TYR A 272 -11.64 -25.89 -3.89
C TYR A 272 -10.33 -25.11 -3.93
N GLY A 273 -10.33 -23.97 -4.60
CA GLY A 273 -9.12 -23.18 -4.70
C GLY A 273 -9.00 -22.27 -3.49
N ILE A 274 -7.82 -21.66 -3.33
CA ILE A 274 -7.58 -20.66 -2.30
C ILE A 274 -6.98 -19.41 -2.94
N THR A 275 -6.81 -18.36 -2.15
CA THR A 275 -6.15 -17.15 -2.61
C THR A 275 -5.11 -16.72 -1.60
N SER A 276 -4.41 -15.63 -1.88
CA SER A 276 -3.49 -15.05 -0.91
C SER A 276 -4.16 -14.83 0.46
N ASP A 277 -5.46 -14.54 0.48
CA ASP A 277 -6.21 -14.31 1.73
C ASP A 277 -6.15 -15.48 2.70
N ASP A 278 -6.05 -16.69 2.14
CA ASP A 278 -6.07 -17.92 2.91
C ASP A 278 -4.66 -18.41 3.17
N LEU A 279 -3.77 -18.15 2.20
CA LEU A 279 -2.45 -18.76 2.16
C LEU A 279 -1.63 -18.43 3.39
N PHE A 280 -1.74 -17.21 3.89
CA PHE A 280 -0.81 -16.73 4.89
C PHE A 280 -1.11 -17.21 6.31
N SER A 281 -2.28 -17.80 6.50
CA SER A 281 -2.63 -18.47 7.76
C SER A 281 -3.00 -19.93 7.52
N LEU A 282 -2.68 -20.45 6.32
CA LEU A 282 -3.06 -21.84 5.96
C LEU A 282 -2.45 -22.79 6.99
N PRO A 283 -3.31 -23.52 7.73
CA PRO A 283 -2.79 -24.40 8.79
C PRO A 283 -2.13 -25.71 8.29
N TYR A 284 -2.33 -26.07 7.02
CA TYR A 284 -1.57 -27.16 6.41
C TYR A 284 -0.56 -26.61 5.39
N PHE A 285 0.54 -27.35 5.10
CA PHE A 285 1.45 -26.94 3.99
C PHE A 285 0.73 -27.18 2.66
N PRO A 286 0.94 -26.28 1.68
CA PRO A 286 0.22 -26.41 0.42
C PRO A 286 0.59 -27.66 -0.37
N GLY A 287 1.82 -28.15 -0.21
CA GLY A 287 2.34 -29.30 -0.97
C GLY A 287 2.50 -28.95 -2.44
N LYS A 288 2.32 -29.92 -3.33
CA LYS A 288 2.41 -29.67 -4.75
C LYS A 288 1.33 -28.65 -5.16
N THR A 289 1.78 -27.50 -5.68
CA THR A 289 0.92 -26.33 -5.84
C THR A 289 0.82 -25.83 -7.27
N LEU A 290 -0.39 -25.44 -7.66
CA LEU A 290 -0.58 -24.69 -8.87
C LEU A 290 -0.96 -23.26 -8.49
N VAL A 291 -0.23 -22.28 -9.04
CA VAL A 291 -0.65 -20.90 -8.95
C VAL A 291 -1.23 -20.49 -10.31
N ILE A 292 -2.47 -20.00 -10.30
CA ILE A 292 -3.08 -19.50 -11.53
C ILE A 292 -3.10 -17.98 -11.54
N GLY A 293 -2.42 -17.40 -12.55
CA GLY A 293 -2.16 -15.98 -12.62
C GLY A 293 -0.67 -15.71 -12.80
N ALA A 294 -0.30 -14.47 -13.08
CA ALA A 294 1.08 -14.18 -13.48
C ALA A 294 1.56 -12.78 -13.15
N SER A 295 0.88 -12.07 -12.25
CA SER A 295 1.38 -10.77 -11.82
C SER A 295 2.09 -10.91 -10.48
N TYR A 296 2.24 -9.84 -9.69
CA TYR A 296 3.19 -10.01 -8.59
C TYR A 296 2.77 -10.94 -7.46
N VAL A 297 1.48 -11.00 -7.14
CA VAL A 297 1.02 -11.96 -6.13
C VAL A 297 1.35 -13.38 -6.56
N ALA A 298 1.05 -13.71 -7.82
CA ALA A 298 1.31 -15.05 -8.35
C ALA A 298 2.77 -15.42 -8.23
N LEU A 299 3.63 -14.55 -8.75
CA LEU A 299 5.07 -14.80 -8.81
C LEU A 299 5.75 -14.76 -7.44
N GLU A 300 5.34 -13.84 -6.56
CA GLU A 300 5.87 -13.81 -5.20
C GLU A 300 5.51 -15.07 -4.42
N CYS A 301 4.24 -15.49 -4.49
CA CYS A 301 3.83 -16.73 -3.82
C CYS A 301 4.48 -17.97 -4.42
N ALA A 302 4.49 -18.10 -5.75
CA ALA A 302 5.15 -19.26 -6.38
C ALA A 302 6.61 -19.34 -5.93
N GLY A 303 7.25 -18.17 -5.84
CA GLY A 303 8.65 -18.05 -5.56
C GLY A 303 9.06 -18.47 -4.17
N PHE A 304 8.38 -17.96 -3.13
CA PHE A 304 8.71 -18.46 -1.79
C PHE A 304 8.29 -19.89 -1.56
N LEU A 305 7.22 -20.34 -2.21
CA LEU A 305 6.85 -21.75 -2.09
C LEU A 305 7.96 -22.66 -2.61
N ALA A 306 8.50 -22.32 -3.78
CA ALA A 306 9.57 -23.11 -4.39
C ALA A 306 10.81 -23.14 -3.51
N SER A 307 11.17 -22.00 -2.92
CA SER A 307 12.39 -21.87 -2.13
C SER A 307 12.26 -22.66 -0.85
N LEU A 308 11.03 -22.91 -0.43
CA LEU A 308 10.78 -23.73 0.72
C LEU A 308 10.81 -25.23 0.36
N GLY A 309 11.05 -25.55 -0.90
CA GLY A 309 11.17 -26.95 -1.32
C GLY A 309 9.92 -27.51 -1.98
N GLY A 310 8.92 -26.65 -2.21
CA GLY A 310 7.68 -27.07 -2.84
C GLY A 310 7.81 -27.35 -4.33
N ASP A 311 6.91 -28.19 -4.80
CA ASP A 311 6.82 -28.50 -6.20
C ASP A 311 5.78 -27.52 -6.76
N VAL A 312 6.24 -26.52 -7.52
CA VAL A 312 5.40 -25.38 -7.89
C VAL A 312 5.25 -25.19 -9.40
N THR A 313 4.01 -24.95 -9.81
CA THR A 313 3.68 -24.63 -11.19
C THR A 313 2.86 -23.35 -11.23
N VAL A 314 3.19 -22.50 -12.21
CA VAL A 314 2.47 -21.27 -12.48
C VAL A 314 1.80 -21.37 -13.86
N MET A 315 0.48 -21.18 -13.91
CA MET A 315 -0.29 -21.26 -15.18
C MET A 315 -0.49 -19.85 -15.71
N VAL A 316 0.08 -19.61 -16.89
CA VAL A 316 0.19 -18.26 -17.45
C VAL A 316 -0.71 -18.13 -18.68
N ARG A 317 -1.75 -17.33 -18.53
CA ARG A 317 -2.67 -17.07 -19.63
C ARG A 317 -1.95 -16.48 -20.86
N SER A 318 -1.14 -15.45 -20.64
CA SER A 318 -0.46 -14.73 -21.73
C SER A 318 0.96 -14.26 -21.40
N ILE A 319 1.10 -13.21 -20.58
CA ILE A 319 2.40 -12.66 -20.21
C ILE A 319 2.57 -12.60 -18.68
N LEU A 320 3.80 -12.40 -18.26
CA LEU A 320 4.13 -12.16 -16.86
C LEU A 320 4.00 -10.67 -16.56
N LEU A 321 3.44 -10.31 -15.41
CA LEU A 321 3.50 -8.94 -14.90
C LEU A 321 3.05 -7.88 -15.91
N ARG A 322 1.88 -8.07 -16.49
CA ARG A 322 1.30 -7.12 -17.41
C ARG A 322 1.35 -5.74 -16.77
N GLY A 323 1.84 -4.74 -17.51
CA GLY A 323 1.95 -3.40 -16.96
C GLY A 323 3.35 -3.06 -16.50
N PHE A 324 4.14 -4.07 -16.16
CA PHE A 324 5.55 -3.87 -15.85
C PHE A 324 6.40 -3.96 -17.12
N ASP A 325 7.58 -3.36 -17.06
CA ASP A 325 8.57 -3.48 -18.12
C ASP A 325 8.75 -4.96 -18.46
N GLN A 326 8.54 -5.31 -19.73
CA GLN A 326 8.46 -6.71 -20.16
C GLN A 326 9.80 -7.40 -20.35
N GLN A 327 10.87 -6.64 -20.58
CA GLN A 327 12.21 -7.21 -20.56
C GLN A 327 12.55 -7.63 -19.12
N MET A 328 12.24 -6.76 -18.16
CA MET A 328 12.49 -7.10 -16.76
C MET A 328 11.62 -8.28 -16.31
N ALA A 329 10.37 -8.30 -16.76
CA ALA A 329 9.45 -9.38 -16.42
C ALA A 329 9.93 -10.73 -16.95
N GLU A 330 10.47 -10.76 -18.18
CA GLU A 330 11.02 -11.99 -18.76
C GLU A 330 12.20 -12.50 -17.94
N LYS A 331 13.01 -11.57 -17.45
CA LYS A 331 14.18 -11.89 -16.64
C LYS A 331 13.77 -12.44 -15.26
N VAL A 332 12.74 -11.84 -14.64
CA VAL A 332 12.21 -12.33 -13.39
C VAL A 332 11.76 -13.79 -13.55
N GLY A 333 11.01 -14.06 -14.61
CA GLY A 333 10.48 -15.39 -14.90
C GLY A 333 11.55 -16.41 -15.23
N ASP A 334 12.51 -16.02 -16.08
CA ASP A 334 13.62 -16.89 -16.50
C ASP A 334 14.40 -17.35 -15.27
N TYR A 335 14.69 -16.42 -14.36
CA TYR A 335 15.34 -16.79 -13.10
C TYR A 335 14.51 -17.84 -12.33
N MET A 336 13.20 -17.66 -12.23
CA MET A 336 12.37 -18.56 -11.45
C MET A 336 12.30 -19.95 -12.11
N GLU A 337 12.16 -19.93 -13.44
CA GLU A 337 12.20 -21.15 -14.25
C GLU A 337 13.50 -21.92 -14.09
N ASN A 338 14.62 -21.21 -14.11
CA ASN A 338 15.94 -21.82 -13.92
C ASN A 338 16.14 -22.38 -12.53
N HIS A 339 15.32 -21.92 -11.59
CA HIS A 339 15.45 -22.36 -10.21
C HIS A 339 14.27 -23.23 -9.74
N GLY A 340 13.69 -24.00 -10.65
CA GLY A 340 12.71 -25.03 -10.27
C GLY A 340 11.23 -24.74 -10.46
N VAL A 341 10.83 -23.47 -10.50
CA VAL A 341 9.42 -23.12 -10.74
C VAL A 341 8.99 -23.51 -12.16
N LYS A 342 7.93 -24.30 -12.29
CA LYS A 342 7.48 -24.74 -13.62
C LYS A 342 6.40 -23.82 -14.16
N PHE A 343 6.46 -23.51 -15.44
CA PHE A 343 5.48 -22.60 -16.03
C PHE A 343 4.66 -23.31 -17.09
N ALA A 344 3.34 -23.28 -16.94
CA ALA A 344 2.46 -23.82 -17.96
C ALA A 344 2.06 -22.61 -18.82
N LYS A 345 2.63 -22.53 -20.00
CA LYS A 345 2.62 -21.28 -20.80
C LYS A 345 1.43 -21.25 -21.73
N LEU A 346 0.80 -20.09 -21.86
CA LEU A 346 -0.33 -19.89 -22.79
C LEU A 346 -1.38 -20.96 -22.50
N CYS A 347 -1.84 -20.96 -21.25
CA CYS A 347 -2.67 -22.01 -20.71
C CYS A 347 -3.71 -21.40 -19.80
N VAL A 348 -4.94 -21.89 -19.87
CA VAL A 348 -6.00 -21.41 -18.99
C VAL A 348 -6.72 -22.58 -18.33
N PRO A 349 -7.20 -22.37 -17.08
CA PRO A 349 -7.93 -23.42 -16.38
C PRO A 349 -9.41 -23.49 -16.80
N ASP A 350 -9.94 -24.70 -16.97
CA ASP A 350 -11.36 -24.93 -17.28
C ASP A 350 -12.18 -25.42 -16.08
N GLU A 351 -11.53 -26.17 -15.19
CA GLU A 351 -12.23 -26.72 -14.01
C GLU A 351 -11.29 -27.29 -12.96
N ILE A 352 -11.72 -27.18 -11.72
CA ILE A 352 -11.07 -27.88 -10.59
C ILE A 352 -12.04 -28.93 -10.06
N LYS A 353 -11.53 -30.14 -9.85
CA LYS A 353 -12.30 -31.23 -9.28
C LYS A 353 -11.56 -31.74 -8.04
N GLN A 354 -12.30 -32.07 -6.99
CA GLN A 354 -11.70 -32.54 -5.74
C GLN A 354 -11.41 -34.03 -5.80
N LEU A 355 -10.22 -34.41 -5.36
CA LEU A 355 -9.86 -35.81 -5.26
C LEU A 355 -9.70 -36.25 -3.80
N LYS A 356 -9.41 -35.29 -2.93
CA LYS A 356 -9.16 -35.56 -1.53
C LYS A 356 -9.45 -34.30 -0.74
N VAL A 357 -10.10 -34.47 0.40
CA VAL A 357 -10.43 -33.37 1.28
C VAL A 357 -9.20 -33.03 2.14
N VAL A 358 -9.03 -31.75 2.45
CA VAL A 358 -7.99 -31.33 3.41
C VAL A 358 -8.12 -32.11 4.73
N ASP A 359 -7.01 -32.71 5.19
CA ASP A 359 -6.96 -33.39 6.47
C ASP A 359 -6.82 -32.36 7.59
N THR A 360 -7.92 -32.14 8.29
CA THR A 360 -8.00 -31.06 9.26
C THR A 360 -7.37 -31.41 10.64
N GLU A 361 -7.20 -32.71 10.90
CA GLU A 361 -6.61 -33.16 12.17
C GLU A 361 -5.07 -33.26 12.12
N ASN A 362 -4.55 -33.75 10.99
CA ASN A 362 -3.11 -33.92 10.77
C ASN A 362 -2.51 -32.72 10.05
N ASN A 363 -3.34 -31.70 9.83
CA ASN A 363 -2.96 -30.52 9.06
C ASN A 363 -2.17 -30.91 7.82
N LYS A 364 -2.84 -31.65 6.95
CA LYS A 364 -2.30 -32.02 5.65
C LYS A 364 -3.26 -31.58 4.54
N PRO A 365 -2.74 -31.30 3.33
CA PRO A 365 -3.61 -30.83 2.24
C PRO A 365 -4.42 -31.95 1.62
N GLY A 366 -5.42 -31.60 0.82
CA GLY A 366 -6.18 -32.55 0.04
C GLY A 366 -5.48 -32.80 -1.28
N LEU A 367 -6.29 -33.00 -2.32
CA LEU A 367 -5.77 -33.29 -3.63
C LEU A 367 -6.81 -32.82 -4.62
N LEU A 368 -6.36 -32.22 -5.71
CA LEU A 368 -7.25 -31.64 -6.70
C LEU A 368 -6.86 -32.04 -8.12
N LEU A 369 -7.85 -32.11 -8.99
CA LEU A 369 -7.61 -32.33 -10.39
C LEU A 369 -7.91 -31.03 -11.11
N VAL A 370 -6.94 -30.58 -11.88
CA VAL A 370 -7.07 -29.35 -12.64
C VAL A 370 -7.09 -29.72 -14.10
N LYS A 371 -8.17 -29.39 -14.77
CA LYS A 371 -8.27 -29.56 -16.21
C LYS A 371 -8.21 -28.19 -16.84
N GLY A 372 -7.50 -28.08 -17.95
CA GLY A 372 -7.41 -26.83 -18.71
C GLY A 372 -7.02 -27.11 -20.15
N HIS A 373 -6.63 -26.07 -20.86
CA HIS A 373 -6.24 -26.25 -22.25
C HIS A 373 -5.24 -25.19 -22.69
N TYR A 374 -4.29 -25.59 -23.54
CA TYR A 374 -3.34 -24.67 -24.14
C TYR A 374 -3.90 -24.09 -25.44
N THR A 375 -3.33 -22.98 -25.88
CA THR A 375 -3.78 -22.32 -27.09
C THR A 375 -3.74 -23.24 -28.31
N ASP A 376 -2.78 -24.16 -28.36
CA ASP A 376 -2.65 -25.07 -29.52
C ASP A 376 -3.69 -26.21 -29.59
N GLY A 377 -4.45 -26.38 -28.53
CA GLY A 377 -5.48 -27.40 -28.50
C GLY A 377 -5.17 -28.54 -27.55
N LYS A 378 -3.92 -28.63 -27.12
CA LYS A 378 -3.52 -29.59 -26.09
C LYS A 378 -4.36 -29.38 -24.84
N LYS A 379 -4.89 -30.47 -24.29
CA LYS A 379 -5.52 -30.37 -22.99
C LYS A 379 -4.46 -30.36 -21.89
N PHE A 380 -4.70 -29.57 -20.87
CA PHE A 380 -3.95 -29.61 -19.62
C PHE A 380 -4.75 -30.44 -18.62
N GLU A 381 -4.11 -31.44 -18.03
CA GLU A 381 -4.74 -32.23 -16.98
C GLU A 381 -3.66 -32.69 -15.98
N GLU A 382 -3.75 -32.23 -14.74
CA GLU A 382 -2.72 -32.56 -13.74
C GLU A 382 -3.23 -32.47 -12.30
N GLU A 383 -2.66 -33.29 -11.42
CA GLU A 383 -3.01 -33.28 -10.00
C GLU A 383 -2.17 -32.29 -9.20
N PHE A 384 -2.83 -31.52 -8.34
CA PHE A 384 -2.17 -30.64 -7.40
C PHE A 384 -2.80 -30.77 -6.02
N GLU A 385 -1.97 -30.67 -4.99
CA GLU A 385 -2.47 -30.64 -3.61
C GLU A 385 -3.16 -29.31 -3.28
N THR A 386 -2.68 -28.21 -3.83
CA THR A 386 -3.26 -26.90 -3.57
C THR A 386 -3.30 -26.06 -4.86
N VAL A 387 -4.43 -25.42 -5.11
CA VAL A 387 -4.57 -24.49 -6.24
C VAL A 387 -4.74 -23.07 -5.69
N ILE A 388 -3.86 -22.16 -6.10
CA ILE A 388 -3.93 -20.78 -5.63
C ILE A 388 -4.36 -19.85 -6.77
N PHE A 389 -5.47 -19.13 -6.60
CA PHE A 389 -5.83 -18.11 -7.58
C PHE A 389 -5.21 -16.79 -7.20
N ALA A 390 -4.46 -16.25 -8.16
CA ALA A 390 -3.85 -14.91 -8.07
C ALA A 390 -4.06 -14.21 -9.42
N VAL A 391 -5.33 -13.92 -9.71
CA VAL A 391 -5.78 -13.39 -10.99
C VAL A 391 -6.37 -11.99 -10.85
N GLY A 392 -5.79 -11.17 -9.98
CA GLY A 392 -6.30 -9.82 -9.75
C GLY A 392 -7.08 -9.65 -8.45
N ARG A 393 -7.36 -8.39 -8.13
CA ARG A 393 -8.14 -8.01 -6.97
C ARG A 393 -9.20 -7.01 -7.42
N GLU A 394 -10.36 -7.02 -6.74
CA GLU A 394 -11.48 -6.14 -7.06
C GLU A 394 -12.09 -5.44 -5.83
N PRO A 395 -12.57 -4.19 -6.03
CA PRO A 395 -13.27 -3.48 -4.98
C PRO A 395 -14.64 -4.14 -4.79
N GLN A 396 -15.27 -3.86 -3.66
CA GLN A 396 -16.46 -4.58 -3.24
C GLN A 396 -17.63 -3.64 -2.98
N LEU A 397 -17.70 -2.55 -3.76
CA LEU A 397 -18.77 -1.58 -3.60
C LEU A 397 -19.61 -1.73 -4.87
N SER A 398 -20.73 -1.02 -4.92
CA SER A 398 -21.95 -1.29 -5.67
C SER A 398 -22.21 -0.21 -6.71
N LYS A 399 -22.22 -0.61 -7.98
CA LYS A 399 -22.46 0.32 -9.07
C LYS A 399 -23.75 1.10 -8.87
N VAL A 400 -24.78 0.42 -8.37
CA VAL A 400 -26.08 1.04 -8.14
C VAL A 400 -26.28 1.70 -6.80
N LEU A 401 -25.92 1.01 -5.73
CA LEU A 401 -26.11 1.53 -4.40
C LEU A 401 -25.27 2.75 -4.21
N CYS A 402 -24.07 2.63 -4.77
CA CYS A 402 -23.10 3.67 -4.62
C CYS A 402 -23.52 4.91 -5.36
N GLU A 403 -24.07 4.71 -6.55
CA GLU A 403 -24.53 5.82 -7.35
C GLU A 403 -25.77 6.40 -6.72
N THR A 404 -26.54 5.61 -6.00
CA THR A 404 -27.69 6.15 -5.32
C THR A 404 -27.36 7.04 -4.17
N VAL A 405 -26.22 6.86 -3.54
CA VAL A 405 -25.88 7.93 -2.61
C VAL A 405 -25.20 9.10 -3.36
N GLY A 406 -24.83 8.84 -4.60
CA GLY A 406 -24.23 9.80 -5.52
C GLY A 406 -22.73 9.71 -5.71
N VAL A 407 -22.10 8.68 -5.14
CA VAL A 407 -20.66 8.45 -5.29
C VAL A 407 -20.45 7.70 -6.61
N LYS A 408 -19.73 8.32 -7.54
CA LYS A 408 -19.51 7.74 -8.86
C LYS A 408 -18.33 6.76 -8.84
N LEU A 409 -18.56 5.60 -9.45
CA LEU A 409 -17.55 4.56 -9.64
C LEU A 409 -17.23 4.42 -11.13
N ASP A 410 -16.06 3.87 -11.46
CA ASP A 410 -15.72 3.65 -12.86
C ASP A 410 -16.21 2.29 -13.35
N LYS A 411 -15.79 1.90 -14.55
CA LYS A 411 -16.09 0.59 -15.13
C LYS A 411 -15.67 -0.58 -14.21
N ASN A 412 -14.52 -0.44 -13.56
CA ASN A 412 -13.96 -1.50 -12.73
C ASN A 412 -14.45 -1.47 -11.29
N GLY A 413 -15.38 -0.55 -10.99
CA GLY A 413 -15.95 -0.45 -9.65
C GLY A 413 -15.14 0.38 -8.66
N ARG A 414 -14.14 1.10 -9.17
CA ARG A 414 -13.35 1.99 -8.34
C ARG A 414 -13.93 3.40 -8.29
N VAL A 415 -13.65 4.10 -7.19
CA VAL A 415 -14.19 5.43 -6.93
C VAL A 415 -13.42 6.50 -7.72
N VAL A 416 -14.15 7.30 -8.49
CA VAL A 416 -13.59 8.40 -9.29
C VAL A 416 -13.39 9.63 -8.40
N CYS A 417 -12.15 10.12 -8.35
CA CYS A 417 -11.76 11.16 -7.43
C CYS A 417 -11.00 12.27 -8.09
N THR A 418 -11.01 13.43 -7.45
CA THR A 418 -10.17 14.56 -7.82
C THR A 418 -8.75 14.28 -7.35
N ASP A 419 -7.86 15.21 -7.64
CA ASP A 419 -6.48 15.10 -7.18
C ASP A 419 -6.32 15.38 -5.69
N ASP A 420 -7.42 15.74 -5.00
CA ASP A 420 -7.38 15.78 -3.53
C ASP A 420 -8.25 14.70 -2.88
N GLU A 421 -8.43 13.60 -3.62
CA GLU A 421 -9.19 12.41 -3.14
C GLU A 421 -10.71 12.59 -2.96
N GLN A 422 -11.25 13.70 -3.47
CA GLN A 422 -12.69 13.98 -3.31
C GLN A 422 -13.50 13.19 -4.34
N THR A 423 -14.58 12.58 -3.87
CA THR A 423 -15.56 11.89 -4.72
C THR A 423 -16.57 12.92 -5.26
N THR A 424 -17.53 12.46 -6.06
CA THR A 424 -18.63 13.30 -6.53
C THR A 424 -19.62 13.70 -5.41
N VAL A 425 -19.42 13.17 -4.21
CA VAL A 425 -20.10 13.70 -3.02
C VAL A 425 -19.05 14.46 -2.22
N SER A 426 -19.30 15.73 -1.96
CA SER A 426 -18.22 16.67 -1.64
C SER A 426 -17.56 16.52 -0.26
N ASN A 427 -18.26 15.91 0.69
CA ASN A 427 -17.70 15.67 2.01
C ASN A 427 -17.14 14.24 2.12
N VAL A 428 -17.22 13.51 1.01
CA VAL A 428 -16.82 12.11 0.96
C VAL A 428 -15.57 11.94 0.10
N TYR A 429 -14.57 11.25 0.68
CA TYR A 429 -13.27 11.01 0.06
C TYR A 429 -13.02 9.52 -0.04
N ALA A 430 -12.10 9.15 -0.93
CA ALA A 430 -11.65 7.75 -1.10
C ALA A 430 -10.14 7.69 -1.15
N ILE A 431 -9.55 6.77 -0.39
CA ILE A 431 -8.10 6.60 -0.42
C ILE A 431 -7.71 5.13 -0.57
N GLY A 432 -6.46 4.88 -0.92
CA GLY A 432 -5.94 3.52 -1.06
C GLY A 432 -6.44 2.84 -2.32
N ASP A 433 -6.60 1.53 -2.28
CA ASP A 433 -6.81 0.74 -3.51
C ASP A 433 -8.08 1.05 -4.31
N ILE A 434 -9.10 1.61 -3.66
CA ILE A 434 -10.37 1.89 -4.35
C ILE A 434 -10.40 3.19 -5.14
N ASN A 435 -9.42 4.03 -4.90
CA ASN A 435 -9.27 5.28 -5.65
C ASN A 435 -8.83 5.00 -7.10
N ALA A 436 -9.72 5.21 -8.08
CA ALA A 436 -9.44 4.88 -9.49
C ALA A 436 -8.15 5.51 -10.01
N GLY A 437 -7.35 4.73 -10.75
CA GLY A 437 -6.16 5.27 -11.41
C GLY A 437 -4.89 5.36 -10.58
N LYS A 438 -4.98 5.17 -9.26
CA LYS A 438 -3.82 5.32 -8.38
C LYS A 438 -3.04 4.02 -8.20
N PRO A 439 -1.70 4.12 -8.02
CA PRO A 439 -0.88 2.94 -7.73
C PRO A 439 -1.35 2.26 -6.44
N GLN A 440 -1.56 0.95 -6.50
CA GLN A 440 -2.15 0.23 -5.38
C GLN A 440 -1.07 -0.33 -4.49
N LEU A 441 -0.57 0.54 -3.60
CA LEU A 441 0.51 0.22 -2.70
C LEU A 441 0.19 0.78 -1.31
N THR A 442 0.80 0.18 -0.30
CA THR A 442 0.52 0.51 1.09
C THR A 442 0.95 1.92 1.44
N PRO A 443 2.23 2.26 1.19
CA PRO A 443 2.68 3.62 1.55
C PRO A 443 1.97 4.73 0.77
N VAL A 444 1.37 4.40 -0.37
CA VAL A 444 0.61 5.36 -1.14
C VAL A 444 -0.69 5.63 -0.39
N ALA A 445 -1.38 4.55 -0.01
CA ALA A 445 -2.59 4.68 0.78
C ALA A 445 -2.33 5.43 2.09
N ILE A 446 -1.19 5.15 2.73
CA ILE A 446 -0.81 5.79 3.98
C ILE A 446 -0.54 7.29 3.77
N GLN A 447 0.26 7.62 2.75
CA GLN A 447 0.55 9.01 2.43
C GLN A 447 -0.74 9.78 2.07
N ALA A 448 -1.59 9.15 1.26
CA ALA A 448 -2.85 9.78 0.88
C ALA A 448 -3.70 10.09 2.12
N GLY A 449 -3.81 9.12 3.03
CA GLY A 449 -4.65 9.27 4.22
C GLY A 449 -4.12 10.40 5.11
N ARG A 450 -2.82 10.43 5.33
CA ARG A 450 -2.19 11.42 6.22
C ARG A 450 -2.27 12.82 5.65
N TYR A 451 -1.98 12.94 4.36
CA TYR A 451 -2.05 14.22 3.67
C TYR A 451 -3.49 14.70 3.62
N LEU A 452 -4.42 13.79 3.35
CA LEU A 452 -5.84 14.15 3.37
C LEU A 452 -6.28 14.62 4.75
N ALA A 453 -5.91 13.89 5.81
CA ALA A 453 -6.31 14.31 7.16
C ALA A 453 -5.74 15.69 7.48
N ARG A 454 -4.49 15.92 7.08
CA ARG A 454 -3.84 17.22 7.31
C ARG A 454 -4.49 18.36 6.56
N ARG A 455 -4.92 18.11 5.31
CA ARG A 455 -5.66 19.14 4.57
C ARG A 455 -6.98 19.47 5.28
N LEU A 456 -7.75 18.44 5.62
CA LEU A 456 -9.06 18.63 6.22
C LEU A 456 -9.02 19.32 7.58
N PHE A 457 -8.05 18.94 8.40
CA PHE A 457 -8.13 19.31 9.82
C PHE A 457 -7.00 20.18 10.33
N ALA A 458 -5.96 20.37 9.52
CA ALA A 458 -4.78 21.12 9.94
C ALA A 458 -4.42 22.23 8.94
N GLY A 459 -5.29 22.45 7.96
CA GLY A 459 -5.09 23.48 6.96
C GLY A 459 -3.91 23.29 6.02
N ALA A 460 -3.41 22.07 5.89
CA ALA A 460 -2.30 21.80 4.95
C ALA A 460 -2.79 22.01 3.50
N THR A 461 -1.86 22.08 2.56
CA THR A 461 -2.20 22.28 1.15
C THR A 461 -1.64 21.15 0.27
N GLU A 462 -0.69 20.41 0.82
CA GLU A 462 0.07 19.44 0.07
C GLU A 462 -0.79 18.26 -0.41
N LEU A 463 -0.82 18.10 -1.73
CA LEU A 463 -1.46 16.96 -2.38
C LEU A 463 -0.50 15.77 -2.39
N THR A 464 -1.05 14.57 -2.45
CA THR A 464 -0.22 13.39 -2.61
C THR A 464 0.25 13.37 -4.05
N ASP A 465 1.56 13.16 -4.22
CA ASP A 465 2.14 13.00 -5.52
C ASP A 465 2.18 11.51 -5.90
N TYR A 466 1.35 11.15 -6.88
CA TYR A 466 1.23 9.76 -7.36
C TYR A 466 2.16 9.40 -8.54
N SER A 467 3.00 10.35 -8.96
CA SER A 467 3.96 10.09 -10.04
C SER A 467 5.28 9.47 -9.55
N ASN A 468 5.81 8.56 -10.36
CA ASN A 468 7.14 7.97 -10.15
C ASN A 468 7.27 7.29 -8.80
N VAL A 469 6.22 6.55 -8.43
CA VAL A 469 6.19 5.83 -7.18
C VAL A 469 6.93 4.55 -7.42
N ALA A 470 7.97 4.33 -6.61
CA ALA A 470 8.77 3.11 -6.73
C ALA A 470 8.03 1.90 -6.17
N THR A 471 8.32 0.75 -6.76
CA THR A 471 7.78 -0.54 -6.35
C THR A 471 8.90 -1.58 -6.26
N THR A 472 8.62 -2.69 -5.58
CA THR A 472 9.47 -3.86 -5.63
C THR A 472 8.60 -5.11 -5.63
N VAL A 473 8.89 -5.99 -6.59
CA VAL A 473 8.30 -7.31 -6.67
C VAL A 473 9.25 -8.24 -5.92
N PHE A 474 8.77 -8.83 -4.82
CA PHE A 474 9.63 -9.64 -3.97
C PHE A 474 9.65 -11.10 -4.41
N THR A 475 9.94 -11.30 -5.70
CA THR A 475 10.24 -12.60 -6.27
C THR A 475 11.58 -13.10 -5.71
N PRO A 476 11.91 -14.39 -5.95
CA PRO A 476 13.17 -14.97 -5.41
C PRO A 476 14.39 -14.10 -5.74
N LEU A 477 14.56 -13.71 -7.01
CA LEU A 477 15.43 -12.55 -7.31
C LEU A 477 14.55 -11.32 -7.42
N GLU A 478 14.80 -10.29 -6.60
CA GLU A 478 13.89 -9.15 -6.50
C GLU A 478 14.00 -8.16 -7.67
N TYR A 479 12.89 -7.51 -7.96
CA TYR A 479 12.80 -6.55 -9.04
C TYR A 479 12.26 -5.21 -8.53
N GLY A 480 13.11 -4.18 -8.59
CA GLY A 480 12.75 -2.83 -8.14
C GLY A 480 12.66 -1.95 -9.37
N ALA A 481 11.70 -1.03 -9.35
CA ALA A 481 11.51 -0.09 -10.44
C ALA A 481 10.99 1.24 -9.91
N CYS A 482 11.33 2.32 -10.61
CA CYS A 482 10.82 3.66 -10.35
C CYS A 482 10.66 4.39 -11.68
N GLY A 483 9.46 4.88 -11.97
CA GLY A 483 9.22 5.59 -13.22
C GLY A 483 8.73 4.68 -14.34
N LEU A 484 9.08 5.04 -15.57
CA LEU A 484 8.51 4.39 -16.73
C LEU A 484 9.25 3.13 -17.19
N SER A 485 8.51 2.14 -17.67
CA SER A 485 9.09 1.06 -18.47
C SER A 485 9.72 1.65 -19.74
N GLU A 486 10.63 0.88 -20.33
CA GLU A 486 11.30 1.24 -21.56
C GLU A 486 10.28 1.39 -22.69
N GLU A 487 9.40 0.41 -22.85
CA GLU A 487 8.36 0.47 -23.89
C GLU A 487 7.39 1.65 -23.71
N ASP A 488 6.99 1.96 -22.48
CA ASP A 488 6.10 3.13 -22.27
C ASP A 488 6.81 4.46 -22.59
N ALA A 489 8.10 4.55 -22.24
CA ALA A 489 8.86 5.77 -22.58
C ALA A 489 9.06 5.93 -24.08
N ILE A 490 9.25 4.82 -24.81
CA ILE A 490 9.41 4.86 -26.26
C ILE A 490 8.08 5.28 -26.87
N GLU A 491 6.98 4.72 -26.37
CA GLU A 491 5.65 5.07 -26.80
C GLU A 491 5.32 6.56 -26.62
N LYS A 492 5.81 7.14 -25.52
CA LYS A 492 5.53 8.54 -25.18
C LYS A 492 6.38 9.55 -25.98
N TYR A 493 7.67 9.27 -26.11
CA TYR A 493 8.60 10.27 -26.63
C TYR A 493 9.25 9.89 -27.96
N GLY A 494 8.96 8.68 -28.43
CA GLY A 494 9.55 8.16 -29.66
C GLY A 494 10.90 7.52 -29.42
N ASP A 495 11.21 6.51 -30.22
CA ASP A 495 12.47 5.77 -30.07
C ASP A 495 13.73 6.63 -30.15
N LYS A 496 13.73 7.61 -31.06
CA LYS A 496 14.90 8.44 -31.30
C LYS A 496 15.24 9.37 -30.13
N ASP A 497 14.28 9.57 -29.23
CA ASP A 497 14.48 10.42 -28.06
C ASP A 497 14.81 9.62 -26.80
N ILE A 498 14.89 8.30 -26.92
CA ILE A 498 15.17 7.47 -25.74
C ILE A 498 16.56 6.82 -25.79
N GLU A 499 17.33 7.03 -24.73
CA GLU A 499 18.60 6.33 -24.50
C GLU A 499 18.47 5.44 -23.27
N VAL A 500 18.92 4.21 -23.43
CA VAL A 500 18.92 3.24 -22.35
C VAL A 500 20.34 2.82 -22.00
N TYR A 501 20.74 3.08 -20.76
CA TYR A 501 22.01 2.61 -20.21
C TYR A 501 21.72 1.36 -19.39
N HIS A 502 22.49 0.31 -19.60
CA HIS A 502 22.25 -0.94 -18.93
C HIS A 502 23.52 -1.68 -18.53
N SER A 503 23.37 -2.60 -17.58
CA SER A 503 24.48 -3.45 -17.17
C SER A 503 23.99 -4.66 -16.39
N ASN A 504 24.64 -5.78 -16.65
CA ASN A 504 24.60 -6.92 -15.80
C ASN A 504 25.56 -6.68 -14.67
N PHE A 505 25.36 -7.41 -13.59
CA PHE A 505 26.29 -7.36 -12.48
C PHE A 505 26.18 -8.65 -11.70
N LYS A 506 27.14 -8.89 -10.82
CA LYS A 506 27.14 -10.04 -9.94
C LYS A 506 27.40 -9.55 -8.54
N PRO A 507 26.48 -9.81 -7.60
CA PRO A 507 26.73 -9.43 -6.20
C PRO A 507 28.02 -10.10 -5.77
N LEU A 508 28.82 -9.40 -4.97
CA LEU A 508 30.07 -9.98 -4.50
C LEU A 508 29.83 -11.29 -3.74
N GLU A 509 28.73 -11.34 -3.00
CA GLU A 509 28.33 -12.50 -2.20
C GLU A 509 28.09 -13.75 -3.05
N TRP A 510 27.73 -13.54 -4.31
CA TRP A 510 27.42 -14.64 -5.22
C TRP A 510 28.67 -15.28 -5.78
N THR A 511 29.83 -14.68 -5.52
CA THR A 511 31.08 -15.16 -6.14
C THR A 511 31.56 -16.42 -5.43
N VAL A 512 31.82 -16.31 -4.13
CA VAL A 512 32.20 -17.46 -3.32
C VAL A 512 31.05 -18.50 -3.32
N ALA A 513 29.82 -18.02 -3.33
CA ALA A 513 28.66 -18.92 -3.33
C ALA A 513 28.39 -19.64 -4.67
N HIS A 514 29.16 -19.31 -5.71
CA HIS A 514 29.05 -19.93 -7.05
C HIS A 514 27.69 -19.75 -7.75
N ARG A 515 27.11 -18.57 -7.65
CA ARG A 515 25.85 -18.27 -8.33
C ARG A 515 26.06 -17.59 -9.70
N GLU A 516 24.97 -17.27 -10.39
CA GLU A 516 25.03 -16.84 -11.78
C GLU A 516 25.83 -15.58 -12.06
N ASP A 517 26.58 -15.62 -13.16
CA ASP A 517 27.05 -14.41 -13.82
C ASP A 517 25.88 -13.97 -14.71
N ASN A 518 25.85 -12.69 -15.03
CA ASN A 518 25.02 -12.16 -16.11
C ASN A 518 23.52 -12.41 -15.95
N VAL A 519 23.08 -12.48 -14.70
CA VAL A 519 21.65 -12.57 -14.39
C VAL A 519 21.13 -11.29 -13.72
N CYS A 520 21.76 -10.83 -12.64
CA CYS A 520 21.41 -9.50 -12.10
C CYS A 520 21.61 -8.41 -13.17
N TYR A 521 20.71 -7.44 -13.17
CA TYR A 521 20.61 -6.53 -14.29
C TYR A 521 19.97 -5.23 -13.84
N MET A 522 20.41 -4.14 -14.45
CA MET A 522 19.85 -2.83 -14.18
C MET A 522 19.89 -1.97 -15.43
N LYS A 523 18.97 -1.02 -15.51
CA LYS A 523 18.98 -0.04 -16.60
C LYS A 523 18.42 1.32 -16.19
N LEU A 524 18.84 2.37 -16.89
CA LEU A 524 18.23 3.68 -16.78
C LEU A 524 17.65 4.02 -18.12
N VAL A 525 16.34 4.31 -18.14
CA VAL A 525 15.67 4.79 -19.35
C VAL A 525 15.72 6.32 -19.30
N CYS A 526 16.31 6.92 -20.33
CA CYS A 526 16.60 8.36 -20.31
C CYS A 526 16.12 9.08 -21.56
N ARG A 527 15.74 10.35 -21.40
CA ARG A 527 15.29 11.16 -22.53
C ARG A 527 16.40 12.07 -23.01
N LYS A 528 16.80 11.86 -24.27
CA LYS A 528 17.92 12.60 -24.87
C LYS A 528 17.68 14.11 -24.89
N SER A 529 16.50 14.52 -25.35
CA SER A 529 16.12 15.95 -25.46
C SER A 529 16.16 16.70 -24.14
N ASP A 530 15.85 16.01 -23.05
CA ASP A 530 15.69 16.66 -21.75
C ASP A 530 16.92 16.41 -20.88
N ASN A 531 18.09 16.62 -21.49
CA ASN A 531 19.37 16.53 -20.78
C ASN A 531 19.62 15.15 -20.15
N MET A 532 19.20 14.12 -20.88
CA MET A 532 19.31 12.72 -20.42
C MET A 532 18.60 12.52 -19.07
N ARG A 533 17.41 13.10 -18.97
CA ARG A 533 16.53 12.97 -17.80
C ARG A 533 16.23 11.50 -17.59
N VAL A 534 16.34 11.05 -16.34
CA VAL A 534 16.04 9.67 -15.99
C VAL A 534 14.51 9.50 -15.91
N LEU A 535 13.95 8.71 -16.82
CA LEU A 535 12.50 8.50 -16.88
C LEU A 535 12.04 7.21 -16.19
N GLY A 536 12.94 6.23 -16.13
CA GLY A 536 12.66 4.94 -15.51
C GLY A 536 13.93 4.28 -14.99
N LEU A 537 13.87 3.73 -13.79
CA LEU A 537 14.96 2.98 -13.21
C LEU A 537 14.49 1.53 -12.94
N HIS A 538 15.37 0.56 -13.20
CA HIS A 538 15.02 -0.86 -13.09
C HIS A 538 16.22 -1.64 -12.61
N VAL A 539 16.02 -2.46 -11.57
CA VAL A 539 17.08 -3.30 -11.05
C VAL A 539 16.53 -4.68 -10.65
N LEU A 540 17.18 -5.72 -11.15
CA LEU A 540 16.85 -7.09 -10.85
C LEU A 540 18.03 -7.61 -10.01
N GLY A 541 17.80 -7.91 -8.73
CA GLY A 541 18.90 -8.26 -7.84
C GLY A 541 18.47 -8.36 -6.38
N PRO A 542 19.37 -8.84 -5.51
CA PRO A 542 19.05 -8.96 -4.09
C PRO A 542 18.81 -7.60 -3.48
N ASN A 543 17.92 -7.52 -2.51
CA ASN A 543 17.67 -6.25 -1.83
C ASN A 543 17.26 -5.11 -2.79
N ALA A 544 16.59 -5.44 -3.89
CA ALA A 544 16.21 -4.46 -4.91
C ALA A 544 15.43 -3.27 -4.34
N GLY A 545 14.63 -3.52 -3.31
CA GLY A 545 13.81 -2.47 -2.72
C GLY A 545 14.64 -1.47 -1.94
N GLU A 546 15.65 -1.98 -1.24
CA GLU A 546 16.58 -1.13 -0.52
C GLU A 546 17.40 -0.35 -1.54
N ILE A 547 17.82 -1.03 -2.60
CA ILE A 547 18.53 -0.35 -3.69
C ILE A 547 17.68 0.77 -4.27
N THR A 548 16.47 0.44 -4.70
CA THR A 548 15.62 1.39 -5.45
C THR A 548 15.22 2.68 -4.68
N GLN A 549 14.96 2.56 -3.38
CA GLN A 549 14.29 3.62 -2.60
C GLN A 549 14.95 5.00 -2.64
N GLY A 550 16.25 5.04 -2.37
CA GLY A 550 17.00 6.30 -2.38
C GLY A 550 16.91 6.97 -3.74
N TYR A 551 17.02 6.20 -4.82
CA TYR A 551 16.93 6.75 -6.19
C TYR A 551 15.56 7.38 -6.50
N ALA A 552 14.49 6.94 -5.83
CA ALA A 552 13.18 7.56 -6.04
C ALA A 552 13.13 9.03 -5.61
N VAL A 553 13.91 9.41 -4.62
CA VAL A 553 14.02 10.84 -4.20
C VAL A 553 14.69 11.65 -5.32
N ALA A 554 15.81 11.14 -5.81
CA ALA A 554 16.57 11.80 -6.87
C ALA A 554 15.73 11.92 -8.13
N ILE A 555 14.97 10.88 -8.47
CA ILE A 555 14.12 10.90 -9.64
C ILE A 555 12.97 11.91 -9.50
N LYS A 556 12.40 12.03 -8.31
CA LYS A 556 11.35 13.02 -8.06
C LYS A 556 11.89 14.43 -8.19
N MET A 557 13.17 14.60 -7.86
CA MET A 557 13.87 15.88 -8.03
C MET A 557 14.28 16.15 -9.48
N GLY A 558 14.07 15.18 -10.36
CA GLY A 558 14.37 15.34 -11.77
C GLY A 558 15.80 14.95 -12.14
N ALA A 559 16.30 13.87 -11.53
CA ALA A 559 17.67 13.41 -11.81
C ALA A 559 17.95 13.20 -13.31
N THR A 560 19.15 13.58 -13.74
CA THR A 560 19.62 13.27 -15.09
C THR A 560 20.71 12.20 -14.97
N LYS A 561 21.12 11.64 -16.09
CA LYS A 561 22.23 10.68 -16.10
C LYS A 561 23.50 11.28 -15.49
N ALA A 562 23.80 12.52 -15.83
CA ALA A 562 24.97 13.22 -15.30
C ALA A 562 24.96 13.24 -13.75
N ASP A 563 23.80 13.44 -13.13
CA ASP A 563 23.69 13.34 -11.67
C ASP A 563 24.14 11.98 -11.11
N PHE A 564 23.74 10.92 -11.81
CA PHE A 564 24.11 9.58 -11.46
C PHE A 564 25.62 9.46 -11.61
N ASP A 565 26.13 9.95 -12.75
CA ASP A 565 27.56 9.88 -13.10
C ASP A 565 28.48 10.60 -12.11
N ARG A 566 28.11 11.80 -11.65
CA ARG A 566 28.98 12.53 -10.72
C ARG A 566 28.97 11.93 -9.32
N THR A 567 27.93 11.15 -9.00
CA THR A 567 27.81 10.52 -7.69
C THR A 567 28.80 9.38 -7.57
N ILE A 568 29.49 9.30 -6.43
CA ILE A 568 30.48 8.24 -6.21
C ILE A 568 29.80 7.00 -5.63
N GLY A 569 30.24 5.82 -6.05
CA GLY A 569 29.66 4.59 -5.55
C GLY A 569 30.12 4.28 -4.13
N ILE A 570 29.33 3.45 -3.43
CA ILE A 570 29.77 2.75 -2.22
C ILE A 570 30.16 1.33 -2.60
N HIS A 571 31.36 0.93 -2.20
CA HIS A 571 31.94 -0.37 -2.55
C HIS A 571 32.20 -1.17 -1.28
N PRO A 572 31.81 -2.45 -1.28
CA PRO A 572 31.15 -3.10 -2.41
C PRO A 572 29.66 -3.30 -2.22
N THR A 573 28.89 -2.82 -3.18
CA THR A 573 27.44 -2.97 -3.14
C THR A 573 26.95 -3.27 -4.54
N CYS A 574 25.73 -3.80 -4.64
CA CYS A 574 25.08 -3.90 -5.94
C CYS A 574 24.67 -2.51 -6.44
N SER A 575 24.19 -1.66 -5.52
CA SER A 575 23.67 -0.34 -5.90
C SER A 575 24.65 0.57 -6.65
N GLU A 576 25.93 0.53 -6.26
CA GLU A 576 26.99 1.34 -6.90
C GLU A 576 27.07 1.20 -8.43
N THR A 577 26.53 0.12 -9.00
CA THR A 577 26.53 -0.10 -10.46
C THR A 577 25.76 1.01 -11.18
N PHE A 578 24.72 1.54 -10.53
CA PHE A 578 24.01 2.73 -11.07
C PHE A 578 24.91 3.96 -11.26
N THR A 579 26.05 4.02 -10.58
CA THR A 579 26.86 5.23 -10.60
C THR A 579 27.92 5.22 -11.70
N THR A 580 28.06 4.09 -12.40
CA THR A 580 29.10 3.99 -13.43
C THR A 580 28.59 3.36 -14.73
N LEU A 581 27.30 3.48 -14.99
CA LEU A 581 26.72 2.88 -16.18
C LEU A 581 27.27 3.57 -17.43
N HIS A 582 27.53 2.81 -18.48
CA HIS A 582 28.07 3.40 -19.73
C HIS A 582 27.32 2.74 -20.88
N VAL A 583 27.30 1.41 -20.92
CA VAL A 583 26.84 0.73 -22.12
C VAL A 583 25.41 1.17 -22.46
N THR A 584 25.20 1.58 -23.70
CA THR A 584 23.87 1.88 -24.19
C THR A 584 23.37 0.72 -25.04
N LYS A 585 22.04 0.54 -25.07
CA LYS A 585 21.39 -0.44 -25.93
C LYS A 585 21.54 -0.13 -27.43
N LYS A 586 21.56 1.16 -27.77
CA LYS A 586 21.65 1.60 -29.16
C LYS A 586 23.00 1.22 -29.79
N SER A 587 24.04 1.17 -28.95
CA SER A 587 25.40 0.84 -29.39
C SER A 587 25.56 -0.65 -29.71
N GLY A 588 24.64 -1.46 -29.21
CA GLY A 588 24.66 -2.90 -29.44
C GLY A 588 25.68 -3.67 -28.61
N VAL A 589 26.53 -2.96 -27.87
CA VAL A 589 27.54 -3.60 -27.01
C VAL A 589 26.88 -4.41 -25.89
N SER A 590 27.46 -5.57 -25.59
CA SER A 590 26.91 -6.47 -24.60
C SER A 590 26.99 -5.91 -23.16
N PRO A 591 25.89 -6.06 -22.39
CA PRO A 591 25.84 -5.63 -20.99
C PRO A 591 26.63 -6.56 -20.06
N ILE A 592 27.17 -7.65 -20.61
CA ILE A 592 27.89 -8.65 -19.81
C ILE A 592 29.27 -8.15 -19.34
#